data_2H56
#
_entry.id   2H56
#
_cell.length_a   141.752
_cell.length_b   141.752
_cell.length_c   85.949
_cell.angle_alpha   90.000
_cell.angle_beta   90.000
_cell.angle_gamma   120.000
#
_symmetry.space_group_name_H-M   'P 65'
#
loop_
_entity.id
_entity.type
_entity.pdbx_description
1 polymer 'DNA-3-methyladenine glycosidase'
2 water water
#
_entity_poly.entity_id   1
_entity_poly.type   'polypeptide(L)'
_entity_poly.pdbx_seq_one_letter_code
;(MSE)GSDKIHHHHHH(MSE)RYFSTDSPEVKTIVAQDSRLFQFIEIAGEVQLPTKPNPFQSLVSSIVEQQLSIKAASAI
YGRVEQLVGGALEKPEQLYRVSDEALRQAGVSKRKIEYIRHVCEHVESGRLDFTELEGAEATTVIEKLTAIKGIGQWTAE
(MSE)F(MSE)(MSE)FSLGRLDVLSVGDVGLQRGAKWLYGNGEGDGKKLLIYHGKAWAPYETVACLYLWKAAGTFAEEY
RSLEELLHHGNQC
;
_entity_poly.pdbx_strand_id   A,B,C
#
# COMPACT_ATOMS: atom_id res chain seq x y z
N HIS A 12 37.26 19.75 7.18
CA HIS A 12 37.56 19.85 5.73
C HIS A 12 36.27 19.88 4.90
N ARG A 14 34.55 19.70 1.01
CA ARG A 14 34.86 19.09 -0.27
C ARG A 14 33.80 19.43 -1.36
N TYR A 15 34.24 19.96 -2.48
CA TYR A 15 33.32 20.36 -3.57
C TYR A 15 33.34 19.44 -4.79
N PHE A 16 32.17 19.24 -5.39
CA PHE A 16 32.05 18.46 -6.61
C PHE A 16 31.41 19.32 -7.68
N SER A 17 32.16 19.61 -8.73
CA SER A 17 31.67 20.51 -9.75
C SER A 17 30.89 19.69 -10.77
N THR A 18 30.17 20.35 -11.65
CA THR A 18 29.38 19.65 -12.64
C THR A 18 30.26 18.94 -13.65
N ASP A 19 31.56 19.27 -13.71
CA ASP A 19 32.49 18.50 -14.55
C ASP A 19 33.52 17.65 -13.79
N SER A 20 33.27 17.39 -12.51
CA SER A 20 34.02 16.40 -11.77
C SER A 20 33.89 15.01 -12.39
N PRO A 21 34.94 14.18 -12.27
CA PRO A 21 34.84 12.82 -12.77
C PRO A 21 33.79 11.98 -12.00
N GLU A 22 33.54 12.31 -10.75
CA GLU A 22 32.46 11.63 -10.02
C GLU A 22 31.10 11.99 -10.63
N VAL A 23 30.90 13.27 -10.93
CA VAL A 23 29.62 13.69 -11.42
C VAL A 23 29.43 13.09 -12.82
N LYS A 24 30.52 13.05 -13.59
CA LYS A 24 30.45 12.51 -14.94
C LYS A 24 30.08 11.04 -14.90
N THR A 25 30.59 10.33 -13.91
CA THR A 25 30.28 8.93 -13.74
C THR A 25 28.82 8.73 -13.38
N ILE A 26 28.31 9.49 -12.42
CA ILE A 26 26.93 9.28 -11.94
C ILE A 26 25.90 9.66 -12.98
N VAL A 27 26.25 10.55 -13.91
CA VAL A 27 25.28 10.91 -14.94
C VAL A 27 25.47 10.13 -16.21
N ALA A 28 26.52 9.32 -16.33
CA ALA A 28 26.78 8.60 -17.62
C ALA A 28 25.55 7.84 -18.15
N GLN A 29 24.83 7.19 -17.27
CA GLN A 29 23.73 6.35 -17.68
C GLN A 29 22.43 6.85 -17.10
N ASP A 30 22.33 8.18 -16.94
CA ASP A 30 21.14 8.86 -16.37
C ASP A 30 21.03 10.31 -16.90
N SER A 31 20.32 10.53 -17.99
CA SER A 31 20.20 11.88 -18.54
C SER A 31 19.31 12.83 -17.78
N ARG A 32 18.39 12.30 -17.00
CA ARG A 32 17.52 13.13 -16.17
C ARG A 32 18.39 13.77 -15.12
N LEU A 33 19.27 12.97 -14.52
CA LEU A 33 20.20 13.49 -13.52
C LEU A 33 21.14 14.50 -14.15
N PHE A 34 21.56 14.23 -15.38
CA PHE A 34 22.41 15.17 -16.10
C PHE A 34 21.72 16.52 -16.31
N GLN A 35 20.48 16.49 -16.82
CA GLN A 35 19.69 17.71 -17.04
C GLN A 35 19.56 18.52 -15.73
N PHE A 36 19.39 17.82 -14.62
CA PHE A 36 19.24 18.48 -13.33
C PHE A 36 20.54 19.12 -12.85
N ILE A 37 21.63 18.36 -12.95
CA ILE A 37 22.93 18.81 -12.47
C ILE A 37 23.41 20.01 -13.26
N GLU A 38 23.15 20.05 -14.56
CA GLU A 38 23.59 21.23 -15.31
C GLU A 38 22.88 22.52 -14.81
N ILE A 39 21.63 22.43 -14.37
CA ILE A 39 20.97 23.56 -13.76
C ILE A 39 21.40 23.80 -12.29
N ALA A 40 21.53 22.74 -11.51
CA ALA A 40 21.80 22.91 -10.06
C ALA A 40 23.22 23.33 -9.74
N GLY A 41 24.19 23.03 -10.58
CA GLY A 41 25.58 23.43 -10.28
C GLY A 41 26.29 22.50 -9.30
N GLU A 42 27.25 23.04 -8.56
CA GLU A 42 28.07 22.19 -7.72
C GLU A 42 27.38 21.83 -6.44
N VAL A 43 27.76 20.70 -5.89
CA VAL A 43 27.40 20.32 -4.54
C VAL A 43 28.65 20.22 -3.69
N GLN A 44 28.41 20.15 -2.39
CA GLN A 44 29.47 20.10 -1.41
C GLN A 44 29.24 19.02 -0.36
N LEU A 45 30.33 18.62 0.27
CA LEU A 45 30.33 17.52 1.21
C LEU A 45 31.16 17.92 2.40
N PRO A 46 30.50 18.32 3.48
CA PRO A 46 31.28 18.61 4.69
C PRO A 46 31.89 17.36 5.28
N THR A 47 33.14 17.44 5.67
CA THR A 47 33.82 16.33 6.33
C THR A 47 34.31 16.77 7.68
N LYS A 48 33.74 16.13 8.71
CA LYS A 48 34.20 16.34 10.07
C LYS A 48 35.56 15.68 10.26
N PRO A 49 36.54 16.44 10.70
CA PRO A 49 37.84 15.81 10.95
C PRO A 49 37.76 14.55 11.84
N ASN A 50 37.21 14.70 13.05
CA ASN A 50 37.33 13.68 14.09
C ASN A 50 36.13 12.68 14.24
N PRO A 51 36.32 11.44 13.80
CA PRO A 51 35.25 10.45 13.80
C PRO A 51 34.57 10.24 15.14
N PHE A 52 35.33 10.05 16.20
CA PHE A 52 34.72 9.82 17.47
C PHE A 52 33.85 11.01 17.88
N GLN A 53 34.38 12.21 17.67
CA GLN A 53 33.66 13.43 17.99
C GLN A 53 32.33 13.49 17.23
N SER A 54 32.39 13.14 15.96
CA SER A 54 31.20 13.06 15.12
C SER A 54 30.14 12.12 15.62
N LEU A 55 30.54 10.95 16.09
CA LEU A 55 29.54 10.00 16.56
C LEU A 55 28.82 10.56 17.79
N VAL A 56 29.59 11.16 18.69
CA VAL A 56 29.02 11.70 19.90
C VAL A 56 28.05 12.84 19.56
N SER A 57 28.52 13.79 18.76
CA SER A 57 27.68 14.82 18.21
C SER A 57 26.44 14.28 17.49
N SER A 58 26.58 13.20 16.73
CA SER A 58 25.43 12.62 16.07
C SER A 58 24.41 12.11 17.07
N ILE A 59 24.88 11.48 18.14
CA ILE A 59 23.96 11.04 19.21
C ILE A 59 23.28 12.24 19.90
N VAL A 60 24.02 13.32 20.16
CA VAL A 60 23.46 14.47 20.84
C VAL A 60 22.36 15.11 20.02
N GLU A 61 22.50 15.04 18.72
CA GLU A 61 21.52 15.66 17.81
C GLU A 61 20.17 14.95 17.76
N GLN A 62 20.14 13.65 17.93
CA GLN A 62 18.85 12.94 17.79
C GLN A 62 17.67 13.65 18.48
N GLN A 63 16.59 13.85 17.71
CA GLN A 63 15.30 14.37 18.17
C GLN A 63 15.35 15.85 18.55
N LEU A 64 16.43 16.54 18.24
CA LEU A 64 16.53 17.93 18.64
C LEU A 64 16.84 18.82 17.44
N SER A 65 16.42 20.09 17.50
CA SER A 65 16.86 21.08 16.50
C SER A 65 18.36 21.30 16.57
N ILE A 66 18.92 21.81 15.47
CA ILE A 66 20.32 22.23 15.42
C ILE A 66 20.63 23.23 16.55
N LYS A 67 19.66 24.10 16.86
CA LYS A 67 19.78 25.07 17.97
C LYS A 67 19.86 24.40 19.35
N ALA A 68 18.88 23.54 19.63
CA ALA A 68 18.81 22.73 20.85
C ALA A 68 20.06 21.90 21.09
N ALA A 69 20.44 21.12 20.08
CA ALA A 69 21.58 20.22 20.18
C ALA A 69 22.85 20.99 20.39
N SER A 70 22.95 22.15 19.77
CA SER A 70 24.15 22.96 19.84
C SER A 70 24.33 23.47 21.26
N ALA A 71 23.25 23.86 21.91
CA ALA A 71 23.31 24.26 23.33
C ALA A 71 23.85 23.13 24.22
N ILE A 72 23.32 21.92 24.03
CA ILE A 72 23.68 20.81 24.91
C ILE A 72 25.11 20.39 24.66
N TYR A 73 25.47 20.30 23.39
CA TYR A 73 26.82 19.92 23.04
C TYR A 73 27.83 20.97 23.53
N GLY A 74 27.48 22.24 23.45
CA GLY A 74 28.35 23.29 23.98
C GLY A 74 28.70 23.04 25.42
N ARG A 75 27.72 22.58 26.19
CA ARG A 75 27.93 22.34 27.59
C ARG A 75 28.73 21.07 27.84
N VAL A 76 28.62 20.06 26.98
CA VAL A 76 29.45 18.88 27.12
C VAL A 76 30.92 19.29 26.90
N GLU A 77 31.16 20.15 25.91
CA GLU A 77 32.53 20.58 25.64
C GLU A 77 33.13 21.23 26.90
N GLN A 78 32.33 22.01 27.63
CA GLN A 78 32.82 22.68 28.83
C GLN A 78 33.17 21.66 29.90
N LEU A 79 32.32 20.64 30.09
CA LEU A 79 32.63 19.55 31.04
C LEU A 79 33.97 18.93 30.75
N VAL A 80 34.27 18.59 29.50
CA VAL A 80 35.62 18.05 29.12
C VAL A 80 36.73 19.09 28.95
N GLY A 81 36.39 20.39 29.02
CA GLY A 81 37.37 21.47 29.05
C GLY A 81 37.87 21.92 27.69
N GLY A 82 37.08 21.74 26.65
CA GLY A 82 37.48 22.17 25.30
C GLY A 82 36.99 21.18 24.27
N ALA A 83 37.66 21.09 23.14
CA ALA A 83 37.23 20.15 22.10
C ALA A 83 37.09 18.72 22.68
N LEU A 84 36.00 18.07 22.37
CA LEU A 84 35.90 16.66 22.66
C LEU A 84 36.63 15.98 21.54
N GLU A 85 37.77 15.37 21.82
CA GLU A 85 38.56 14.69 20.78
C GLU A 85 38.72 13.19 20.99
N LYS A 86 38.71 12.75 22.24
CA LYS A 86 39.18 11.43 22.60
C LYS A 86 38.23 10.86 23.63
N PRO A 87 37.94 9.54 23.57
CA PRO A 87 37.05 8.93 24.53
C PRO A 87 37.55 9.02 25.96
N GLU A 88 38.86 9.00 26.16
CA GLU A 88 39.40 9.07 27.52
C GLU A 88 38.86 10.30 28.23
N GLN A 89 38.55 11.37 27.52
CA GLN A 89 38.05 12.60 28.15
C GLN A 89 36.72 12.43 28.90
N LEU A 90 35.93 11.45 28.49
CA LEU A 90 34.63 11.28 29.06
C LEU A 90 34.68 10.35 30.27
N TYR A 91 35.77 9.58 30.43
CA TYR A 91 35.88 8.76 31.61
C TYR A 91 35.74 9.68 32.79
N ARG A 92 36.41 10.84 32.78
CA ARG A 92 36.43 11.75 33.96
C ARG A 92 35.10 12.48 34.25
N VAL A 93 34.09 12.39 33.37
CA VAL A 93 32.81 13.08 33.53
C VAL A 93 31.70 12.10 33.91
N SER A 94 31.01 12.36 35.02
CA SER A 94 29.96 11.46 35.46
C SER A 94 28.70 11.59 34.63
N ASP A 95 27.89 10.57 34.72
CA ASP A 95 26.54 10.58 34.21
C ASP A 95 25.66 11.70 34.79
N GLU A 96 25.68 11.94 36.09
CA GLU A 96 24.83 13.01 36.63
C GLU A 96 25.26 14.31 35.95
N ALA A 97 26.55 14.50 35.75
CA ALA A 97 27.03 15.76 35.18
C ALA A 97 26.44 15.95 33.79
N LEU A 98 26.56 14.91 32.96
CA LEU A 98 26.01 14.91 31.61
C LEU A 98 24.51 15.14 31.59
N ARG A 99 23.79 14.55 32.55
CA ARG A 99 22.37 14.81 32.67
C ARG A 99 22.03 16.23 33.05
N GLN A 100 22.81 16.81 33.96
CA GLN A 100 22.61 18.20 34.28
C GLN A 100 22.86 19.10 33.09
N ALA A 101 23.74 18.67 32.21
CA ALA A 101 24.01 19.41 30.99
C ALA A 101 22.86 19.29 29.98
N GLY A 102 21.92 18.37 30.21
CA GLY A 102 20.79 18.19 29.31
C GLY A 102 20.88 17.00 28.39
N VAL A 103 21.90 16.16 28.55
CA VAL A 103 21.99 14.96 27.70
C VAL A 103 21.06 13.97 28.29
N SER A 104 20.19 13.38 27.47
CA SER A 104 19.16 12.45 28.03
C SER A 104 19.82 11.18 28.55
N LYS A 105 19.13 10.43 29.40
CA LYS A 105 19.65 9.15 29.92
C LYS A 105 19.90 8.10 28.79
N ARG A 106 19.02 8.02 27.80
CA ARG A 106 19.30 7.13 26.69
C ARG A 106 20.55 7.58 25.90
N LYS A 107 20.65 8.87 25.62
CA LYS A 107 21.81 9.32 24.88
C LYS A 107 23.13 9.05 25.63
N ILE A 108 23.09 9.10 26.95
CA ILE A 108 24.27 8.78 27.74
C ILE A 108 24.69 7.33 27.56
N GLU A 109 23.73 6.40 27.56
CA GLU A 109 24.04 5.02 27.29
C GLU A 109 24.66 4.87 25.87
N TYR A 110 24.12 5.55 24.88
CA TYR A 110 24.69 5.43 23.55
C TYR A 110 26.12 5.96 23.50
N ILE A 111 26.35 7.11 24.11
CA ILE A 111 27.68 7.71 24.11
C ILE A 111 28.70 6.78 24.81
N ARG A 112 28.32 6.27 25.96
CA ARG A 112 29.15 5.28 26.65
C ARG A 112 29.45 4.09 25.75
N HIS A 113 28.46 3.63 25.00
CA HIS A 113 28.67 2.47 24.18
C HIS A 113 29.64 2.83 23.05
N VAL A 114 29.60 4.06 22.55
CA VAL A 114 30.56 4.49 21.53
C VAL A 114 31.97 4.46 22.11
N CYS A 115 32.11 4.97 23.32
CA CYS A 115 33.41 4.95 24.00
C CYS A 115 33.95 3.57 24.14
N GLU A 116 33.13 2.68 24.68
CA GLU A 116 33.50 1.29 24.85
C GLU A 116 34.02 0.72 23.51
N HIS A 117 33.30 0.97 22.42
CA HIS A 117 33.66 0.39 21.15
C HIS A 117 34.95 1.01 20.55
N VAL A 118 35.17 2.30 20.75
CA VAL A 118 36.39 2.93 20.27
C VAL A 118 37.61 2.43 21.09
N GLU A 119 37.49 2.40 22.41
CA GLU A 119 38.65 2.06 23.25
C GLU A 119 38.99 0.58 23.36
N SER A 120 38.05 -0.29 23.05
CA SER A 120 38.25 -1.73 23.02
C SER A 120 38.85 -2.11 21.67
N GLY A 121 38.78 -1.19 20.72
CA GLY A 121 39.35 -1.42 19.41
C GLY A 121 38.39 -2.06 18.43
N ARG A 122 37.16 -2.33 18.87
CA ARG A 122 36.13 -2.94 18.00
C ARG A 122 36.02 -2.06 16.79
N LEU A 123 35.88 -0.76 17.03
CA LEU A 123 35.66 0.21 16.00
C LEU A 123 36.92 1.04 15.74
N ASP A 124 37.75 0.60 14.78
CA ASP A 124 38.97 1.31 14.37
C ASP A 124 38.75 2.06 13.05
N PHE A 125 38.73 3.39 13.10
CA PHE A 125 38.37 4.19 11.93
C PHE A 125 39.37 4.13 10.76
N THR A 126 40.64 3.84 11.04
CA THR A 126 41.60 3.70 9.92
C THR A 126 41.35 2.42 9.13
N GLU A 127 41.18 1.27 9.80
CA GLU A 127 40.81 0.04 9.09
C GLU A 127 39.51 0.23 8.29
N LEU A 128 38.53 0.94 8.85
CA LEU A 128 37.28 1.19 8.12
C LEU A 128 37.41 1.99 6.81
N GLU A 129 38.28 3.00 6.78
CA GLU A 129 38.64 3.67 5.54
C GLU A 129 39.37 2.58 4.78
N GLY A 130 38.64 1.83 3.96
CA GLY A 130 39.21 0.62 3.35
C GLY A 130 38.19 -0.49 3.20
N ALA A 131 37.32 -0.64 4.19
CA ALA A 131 36.36 -1.73 4.19
C ALA A 131 35.24 -1.45 3.20
N GLU A 132 34.61 -2.49 2.64
CA GLU A 132 33.41 -2.29 1.84
C GLU A 132 32.34 -1.67 2.78
N ALA A 133 31.45 -0.84 2.20
CA ALA A 133 30.39 -0.11 2.93
C ALA A 133 29.57 -1.01 3.85
N THR A 134 29.21 -2.16 3.30
CA THR A 134 28.54 -3.26 3.99
C THR A 134 29.16 -3.56 5.38
N THR A 135 30.49 -3.55 5.46
CA THR A 135 31.17 -3.83 6.73
C THR A 135 31.18 -2.66 7.72
N VAL A 136 31.47 -1.47 7.20
CA VAL A 136 31.41 -0.28 7.99
C VAL A 136 30.03 -0.18 8.69
N ILE A 137 28.97 -0.30 7.91
CA ILE A 137 27.61 -0.21 8.46
C ILE A 137 27.42 -1.25 9.61
N GLU A 138 27.94 -2.47 9.44
CA GLU A 138 27.90 -3.46 10.52
C GLU A 138 28.62 -2.98 11.76
N LYS A 139 29.87 -2.55 11.61
CA LYS A 139 30.66 -2.15 12.77
C LYS A 139 29.98 -0.99 13.47
N LEU A 140 29.47 -0.01 12.73
CA LEU A 140 28.77 1.12 13.34
C LEU A 140 27.40 0.78 14.03
N THR A 141 26.54 -0.03 13.40
CA THR A 141 25.19 -0.27 13.93
C THR A 141 25.16 -1.21 15.13
N ALA A 142 26.26 -1.96 15.30
CA ALA A 142 26.57 -2.68 16.55
C ALA A 142 26.49 -1.80 17.82
N ILE A 143 26.68 -0.49 17.67
CA ILE A 143 26.61 0.43 18.77
C ILE A 143 25.16 0.80 19.05
N LYS A 144 24.72 0.61 20.29
CA LYS A 144 23.39 1.07 20.72
C LYS A 144 23.20 2.52 20.34
N GLY A 145 22.01 2.85 19.89
CA GLY A 145 21.69 4.20 19.46
C GLY A 145 21.99 4.47 18.00
N ILE A 146 22.96 3.76 17.41
CA ILE A 146 23.30 3.93 15.99
C ILE A 146 22.53 2.95 15.10
N GLY A 147 21.59 3.47 14.33
CA GLY A 147 20.87 2.69 13.34
C GLY A 147 21.49 2.82 11.95
N GLN A 148 20.96 2.01 11.04
CA GLN A 148 21.34 2.04 9.63
C GLN A 148 21.46 3.46 9.10
N TRP A 149 20.39 4.24 9.17
CA TRP A 149 20.41 5.62 8.66
C TRP A 149 21.53 6.40 9.30
N THR A 150 21.68 6.28 10.63
CA THR A 150 22.71 7.01 11.36
C THR A 150 24.08 6.60 10.82
N ALA A 151 24.30 5.30 10.65
CA ALA A 151 25.59 4.83 10.15
C ALA A 151 25.80 5.41 8.77
N GLU A 152 24.75 5.43 7.98
CA GLU A 152 24.90 5.88 6.61
C GLU A 152 25.27 7.36 6.54
N PHE A 154 26.67 9.07 8.82
CA PHE A 154 28.00 9.14 9.39
C PHE A 154 29.05 8.82 8.36
N PHE A 157 29.05 12.13 5.79
CA PHE A 157 29.33 13.45 6.26
C PHE A 157 30.44 13.48 7.32
N SER A 158 31.01 12.34 7.61
CA SER A 158 32.06 12.30 8.59
C SER A 158 33.25 11.48 8.14
N LEU A 159 33.06 10.29 7.60
CA LEU A 159 34.15 9.57 6.90
C LEU A 159 34.34 9.95 5.41
N GLY A 160 33.53 10.86 4.87
CA GLY A 160 33.65 11.30 3.47
C GLY A 160 33.63 10.21 2.41
N ARG A 161 32.88 9.13 2.69
CA ARG A 161 32.77 7.97 1.79
C ARG A 161 31.77 8.26 0.69
N LEU A 162 32.16 8.04 -0.56
CA LEU A 162 31.30 8.46 -1.68
C LEU A 162 30.36 7.35 -2.22
N ASP A 163 30.42 6.16 -1.62
CA ASP A 163 29.70 4.98 -2.13
C ASP A 163 28.55 4.52 -1.18
N VAL A 164 27.75 5.48 -0.75
CA VAL A 164 26.68 5.29 0.24
C VAL A 164 25.37 5.77 -0.38
N LEU A 165 24.31 5.00 -0.24
CA LEU A 165 22.99 5.39 -0.68
C LEU A 165 21.98 5.12 0.45
N SER A 166 21.55 6.13 1.21
CA SER A 166 20.66 5.83 2.30
C SER A 166 19.22 5.68 1.82
N VAL A 167 18.84 4.45 1.56
CA VAL A 167 17.50 4.19 1.03
C VAL A 167 16.40 4.71 1.94
N GLY A 168 16.68 4.78 3.24
CA GLY A 168 15.64 5.18 4.21
C GLY A 168 15.50 6.66 4.43
N ASP A 169 16.33 7.47 3.79
CA ASP A 169 16.25 8.92 3.97
C ASP A 169 15.03 9.52 3.25
N VAL A 170 14.10 10.03 4.04
CA VAL A 170 12.92 10.71 3.53
C VAL A 170 13.28 11.91 2.62
N GLY A 171 14.47 12.46 2.81
CA GLY A 171 14.94 13.56 1.99
C GLY A 171 15.27 13.06 0.62
N LEU A 172 16.15 12.08 0.56
CA LEU A 172 16.50 11.43 -0.69
C LEU A 172 15.24 10.91 -1.39
N GLN A 173 14.31 10.37 -0.63
CA GLN A 173 13.05 9.86 -1.22
C GLN A 173 12.23 10.97 -1.89
N ARG A 174 12.10 12.09 -1.20
CA ARG A 174 11.44 13.25 -1.78
C ARG A 174 12.12 13.68 -3.08
N GLY A 175 13.45 13.67 -3.11
CA GLY A 175 14.17 14.11 -4.30
C GLY A 175 13.98 13.12 -5.45
N ALA A 176 13.97 11.83 -5.11
CA ALA A 176 13.79 10.79 -6.09
C ALA A 176 12.44 10.91 -6.80
N LYS A 177 11.37 11.04 -6.03
CA LYS A 177 10.03 11.27 -6.59
C LYS A 177 10.02 12.48 -7.53
N TRP A 178 10.73 13.53 -7.13
CA TRP A 178 10.73 14.78 -7.87
C TRP A 178 11.45 14.58 -9.20
N LEU A 179 12.61 13.95 -9.11
CA LEU A 179 13.48 13.78 -10.26
C LEU A 179 13.12 12.60 -11.20
N TYR A 180 12.41 11.59 -10.71
CA TYR A 180 12.12 10.38 -11.49
C TYR A 180 10.64 9.99 -11.51
N GLY A 181 9.85 10.49 -10.57
CA GLY A 181 8.40 10.42 -10.68
C GLY A 181 8.02 11.74 -11.32
N ASN A 182 6.80 12.17 -11.16
CA ASN A 182 6.54 13.52 -11.53
C ASN A 182 6.12 14.21 -10.27
N GLY A 183 6.96 14.04 -9.24
CA GLY A 183 6.60 14.41 -7.88
C GLY A 183 5.66 13.40 -7.24
N GLU A 184 5.57 12.21 -7.83
CA GLU A 184 4.69 11.14 -7.33
C GLU A 184 5.45 9.81 -7.39
N GLY A 185 4.80 8.72 -7.03
CA GLY A 185 5.43 7.39 -7.04
C GLY A 185 6.05 7.07 -5.69
N ASP A 186 6.76 5.93 -5.60
CA ASP A 186 7.38 5.42 -4.36
C ASP A 186 8.87 5.78 -4.29
N GLY A 187 9.18 6.80 -3.49
CA GLY A 187 10.54 7.31 -3.34
C GLY A 187 11.51 6.21 -3.00
N LYS A 188 11.15 5.36 -2.06
CA LYS A 188 12.04 4.27 -1.66
C LYS A 188 12.40 3.43 -2.90
N LYS A 189 11.38 2.89 -3.55
CA LYS A 189 11.59 2.05 -4.72
C LYS A 189 12.32 2.78 -5.85
N LEU A 190 12.04 4.08 -6.04
CA LEU A 190 12.66 4.85 -7.14
C LEU A 190 14.15 4.94 -6.86
N LEU A 191 14.44 5.26 -5.62
CA LEU A 191 15.81 5.41 -5.14
C LEU A 191 16.61 4.09 -5.26
N ILE A 192 16.04 2.96 -4.88
CA ILE A 192 16.72 1.67 -5.05
C ILE A 192 17.00 1.39 -6.52
N TYR A 193 16.03 1.69 -7.37
CA TYR A 193 16.11 1.33 -8.80
C TYR A 193 17.13 2.22 -9.52
N HIS A 194 16.95 3.53 -9.42
CA HIS A 194 17.81 4.45 -10.11
C HIS A 194 19.20 4.54 -9.50
N GLY A 195 19.30 4.26 -8.21
CA GLY A 195 20.59 4.25 -7.50
C GLY A 195 21.66 3.33 -8.08
N LYS A 196 21.20 2.24 -8.68
CA LYS A 196 22.10 1.30 -9.33
C LYS A 196 22.98 1.95 -10.41
N ALA A 197 22.49 3.03 -11.04
CA ALA A 197 23.21 3.79 -12.10
C ALA A 197 24.42 4.59 -11.62
N TRP A 198 24.54 4.77 -10.31
CA TRP A 198 25.49 5.75 -9.79
C TRP A 198 26.72 5.17 -9.16
N ALA A 199 26.79 3.84 -8.99
CA ALA A 199 28.01 3.25 -8.43
C ALA A 199 29.24 3.67 -9.23
N PRO A 200 30.36 3.86 -8.54
CA PRO A 200 30.50 3.79 -7.06
C PRO A 200 30.46 5.19 -6.38
N TYR A 201 29.67 6.11 -6.89
CA TYR A 201 29.65 7.46 -6.33
C TYR A 201 28.29 7.88 -5.88
N GLU A 202 27.56 6.94 -5.30
CA GLU A 202 26.20 7.18 -4.86
C GLU A 202 26.03 8.39 -3.94
N THR A 203 26.98 8.62 -3.04
CA THR A 203 26.87 9.74 -2.13
C THR A 203 26.77 11.04 -2.93
N VAL A 204 27.50 11.14 -4.04
CA VAL A 204 27.46 12.38 -4.81
C VAL A 204 26.04 12.63 -5.41
N ALA A 205 25.42 11.58 -5.97
CA ALA A 205 24.01 11.66 -6.39
C ALA A 205 23.12 12.12 -5.25
N CYS A 206 23.36 11.57 -4.07
CA CYS A 206 22.52 11.88 -2.93
C CYS A 206 22.57 13.35 -2.56
N LEU A 207 23.73 13.97 -2.72
CA LEU A 207 23.84 15.40 -2.52
C LEU A 207 22.88 16.12 -3.50
N TYR A 208 22.81 15.67 -4.73
CA TYR A 208 21.91 16.32 -5.71
C TYR A 208 20.46 16.03 -5.40
N LEU A 209 20.19 14.82 -4.93
CA LEU A 209 18.83 14.48 -4.56
C LEU A 209 18.37 15.44 -3.46
N TRP A 210 19.24 15.64 -2.48
CA TRP A 210 18.92 16.55 -1.37
C TRP A 210 18.66 17.95 -1.87
N LYS A 211 19.45 18.37 -2.85
CA LYS A 211 19.31 19.68 -3.45
C LYS A 211 17.94 19.77 -4.14
N ALA A 212 17.59 18.72 -4.88
CA ALA A 212 16.27 18.63 -5.51
C ALA A 212 15.13 18.67 -4.48
N ALA A 213 15.30 17.97 -3.36
CA ALA A 213 14.26 17.95 -2.31
C ALA A 213 14.00 19.32 -1.67
N GLY A 214 15.05 20.14 -1.50
CA GLY A 214 14.93 21.49 -0.91
C GLY A 214 14.36 22.58 -1.83
N THR A 215 15.24 23.50 -2.27
CA THR A 215 14.85 24.68 -3.06
C THR A 215 13.95 24.31 -4.23
N PHE A 216 14.38 23.37 -5.06
CA PHE A 216 13.65 23.02 -6.31
C PHE A 216 12.30 22.40 -6.12
N ALA A 217 12.20 21.46 -5.18
CA ALA A 217 10.91 20.91 -4.78
C ALA A 217 9.92 22.01 -4.39
N GLU A 218 10.37 23.02 -3.62
CA GLU A 218 9.48 24.06 -3.13
C GLU A 218 8.94 24.89 -4.31
N GLU A 219 9.74 25.16 -5.34
CA GLU A 219 9.32 26.06 -6.42
C GLU A 219 8.75 25.35 -7.67
N TYR A 220 8.94 24.04 -7.80
CA TYR A 220 8.50 23.25 -8.99
C TYR A 220 7.90 21.88 -8.66
N ARG A 221 6.87 21.47 -9.40
CA ARG A 221 6.17 20.21 -9.12
C ARG A 221 7.13 19.03 -9.28
N SER A 222 7.81 19.02 -10.42
CA SER A 222 8.71 17.95 -10.83
C SER A 222 9.87 18.52 -11.67
N LEU A 223 10.86 17.69 -11.99
CA LEU A 223 11.94 18.08 -12.92
C LEU A 223 11.35 18.56 -14.25
N GLU A 224 10.25 17.94 -14.64
CA GLU A 224 9.57 18.30 -15.88
C GLU A 224 9.21 19.78 -15.92
N GLU A 225 8.60 20.30 -14.83
CA GLU A 225 8.20 21.72 -14.73
C GLU A 225 9.39 22.68 -14.88
N LEU A 226 10.49 22.37 -14.18
CA LEU A 226 11.72 23.17 -14.23
C LEU A 226 12.26 23.34 -15.66
N LEU A 227 12.13 22.30 -16.47
CA LEU A 227 12.53 22.35 -17.86
C LEU A 227 11.50 23.06 -18.72
N HIS A 228 11.00 24.20 -18.22
CA HIS A 228 10.35 25.21 -19.04
C HIS A 228 11.15 26.54 -18.93
N HIS A 229 12.48 26.39 -18.79
CA HIS A 229 13.45 27.49 -18.55
C HIS A 229 12.83 28.72 -17.82
N ARG B 14 -15.49 6.13 5.74
CA ARG B 14 -15.16 7.28 6.58
C ARG B 14 -13.64 7.46 6.87
N TYR B 15 -13.14 8.70 6.71
CA TYR B 15 -11.72 9.06 6.89
C TYR B 15 -11.46 9.76 8.22
N PHE B 16 -10.19 9.89 8.60
CA PHE B 16 -9.77 10.51 9.87
C PHE B 16 -8.44 11.24 9.75
N SER B 17 -8.49 12.56 9.53
CA SER B 17 -7.27 13.38 9.50
C SER B 17 -6.89 13.63 10.93
N THR B 18 -5.71 14.18 11.14
CA THR B 18 -5.31 14.59 12.47
C THR B 18 -5.97 15.92 12.85
N ASP B 19 -6.66 16.55 11.91
CA ASP B 19 -7.57 17.67 12.22
C ASP B 19 -8.96 17.16 12.66
N SER B 20 -9.21 15.85 12.54
CA SER B 20 -10.53 15.31 12.91
C SER B 20 -10.74 15.32 14.43
N PRO B 21 -11.97 15.65 14.88
CA PRO B 21 -12.25 15.81 16.31
C PRO B 21 -12.07 14.49 17.07
N GLU B 22 -12.20 13.38 16.36
CA GLU B 22 -11.96 12.08 16.94
C GLU B 22 -10.47 11.92 17.22
N VAL B 23 -9.61 12.32 16.29
CA VAL B 23 -8.19 12.20 16.51
C VAL B 23 -7.77 13.20 17.60
N LYS B 24 -8.26 14.44 17.50
CA LYS B 24 -7.95 15.44 18.54
C LYS B 24 -8.30 14.91 19.92
N THR B 25 -9.37 14.13 20.03
CA THR B 25 -9.76 13.56 21.32
C THR B 25 -8.79 12.50 21.81
N ILE B 26 -8.43 11.56 20.94
CA ILE B 26 -7.60 10.45 21.38
C ILE B 26 -6.16 10.87 21.69
N VAL B 27 -5.68 12.01 21.18
CA VAL B 27 -4.31 12.40 21.45
C VAL B 27 -4.21 13.38 22.60
N ALA B 28 -5.35 13.80 23.14
CA ALA B 28 -5.35 14.82 24.22
C ALA B 28 -4.44 14.45 25.39
N GLN B 29 -4.54 13.21 25.86
CA GLN B 29 -3.66 12.65 26.88
C GLN B 29 -2.79 11.50 26.34
N ASP B 30 -2.31 11.64 25.09
CA ASP B 30 -1.36 10.69 24.53
C ASP B 30 -0.48 11.35 23.50
N SER B 31 0.59 11.97 23.99
CA SER B 31 1.66 12.56 23.19
C SER B 31 2.31 11.62 22.20
N ARG B 32 2.61 10.41 22.65
CA ARG B 32 3.31 9.47 21.81
C ARG B 32 2.43 9.17 20.60
N LEU B 33 1.16 8.91 20.86
CA LEU B 33 0.20 8.74 19.76
C LEU B 33 0.11 9.98 18.89
N PHE B 34 0.18 11.15 19.52
CA PHE B 34 0.12 12.43 18.80
C PHE B 34 1.26 12.55 17.80
N GLN B 35 2.49 12.34 18.26
CA GLN B 35 3.64 12.40 17.38
C GLN B 35 3.51 11.38 16.25
N PHE B 36 3.06 10.18 16.57
CA PHE B 36 3.05 9.14 15.54
C PHE B 36 1.97 9.44 14.48
N ILE B 37 0.78 9.85 14.93
CA ILE B 37 -0.27 10.31 14.04
C ILE B 37 0.18 11.47 13.14
N GLU B 38 0.66 12.57 13.72
CA GLU B 38 1.18 13.68 12.91
C GLU B 38 2.14 13.21 11.82
N ILE B 39 2.93 12.17 12.09
CA ILE B 39 3.86 11.62 11.10
C ILE B 39 3.16 10.69 10.10
N ALA B 40 2.33 9.78 10.62
CA ALA B 40 1.72 8.71 9.81
C ALA B 40 0.55 9.15 8.92
N GLY B 41 -0.09 10.28 9.20
CA GLY B 41 -1.11 10.83 8.32
C GLY B 41 -2.51 10.31 8.55
N GLU B 42 -3.29 10.13 7.49
CA GLU B 42 -4.69 9.74 7.66
C GLU B 42 -4.91 8.22 7.77
N VAL B 43 -6.02 7.86 8.39
CA VAL B 43 -6.48 6.47 8.40
C VAL B 43 -7.91 6.45 7.93
N GLN B 44 -8.41 5.25 7.68
CA GLN B 44 -9.74 5.12 7.10
C GLN B 44 -10.36 3.87 7.62
N LEU B 45 -11.68 3.83 7.54
CA LEU B 45 -12.44 2.75 8.12
C LEU B 45 -13.51 2.38 7.12
N PRO B 46 -13.40 1.21 6.50
CA PRO B 46 -14.47 0.73 5.62
C PRO B 46 -15.66 0.18 6.40
N THR B 47 -16.87 0.35 5.87
CA THR B 47 -18.04 -0.41 6.37
C THR B 47 -18.48 -1.43 5.34
N LYS B 48 -18.74 -2.65 5.82
CA LYS B 48 -19.24 -3.72 4.98
C LYS B 48 -20.70 -3.43 4.73
N PRO B 49 -21.13 -3.54 3.47
CA PRO B 49 -22.53 -3.32 3.13
C PRO B 49 -23.53 -3.97 4.10
N ASN B 50 -23.51 -5.30 4.23
CA ASN B 50 -24.58 -6.00 4.93
C ASN B 50 -24.02 -6.78 6.11
N PRO B 51 -24.56 -6.53 7.31
CA PRO B 51 -24.09 -7.23 8.50
C PRO B 51 -24.27 -8.72 8.47
N PHE B 52 -25.43 -9.18 8.02
CA PHE B 52 -25.64 -10.61 7.98
C PHE B 52 -24.58 -11.29 7.09
N GLN B 53 -24.38 -10.72 5.91
CA GLN B 53 -23.38 -11.22 4.98
C GLN B 53 -22.00 -11.24 5.60
N SER B 54 -21.63 -10.14 6.25
CA SER B 54 -20.28 -10.02 6.78
C SER B 54 -20.08 -11.01 7.95
N LEU B 55 -21.12 -11.17 8.75
CA LEU B 55 -21.12 -12.21 9.75
C LEU B 55 -20.89 -13.60 9.17
N VAL B 56 -21.61 -13.95 8.11
CA VAL B 56 -21.46 -15.29 7.51
C VAL B 56 -20.11 -15.44 6.83
N SER B 57 -19.64 -14.39 6.18
CA SER B 57 -18.34 -14.49 5.54
C SER B 57 -17.18 -14.58 6.53
N SER B 58 -17.34 -14.09 7.75
CA SER B 58 -16.30 -14.29 8.77
C SER B 58 -16.19 -15.74 9.14
N ILE B 59 -17.33 -16.40 9.40
CA ILE B 59 -17.30 -17.81 9.69
C ILE B 59 -16.62 -18.55 8.53
N VAL B 60 -16.97 -18.23 7.28
CA VAL B 60 -16.32 -18.90 6.14
C VAL B 60 -14.80 -18.62 6.13
N GLU B 61 -14.37 -17.42 6.52
CA GLU B 61 -12.93 -17.06 6.49
C GLU B 61 -12.02 -17.81 7.47
N GLN B 62 -12.56 -18.19 8.64
CA GLN B 62 -11.80 -18.82 9.74
C GLN B 62 -10.85 -19.96 9.32
N GLN B 63 -9.60 -19.89 9.78
CA GLN B 63 -8.52 -20.83 9.43
C GLN B 63 -8.26 -21.05 7.94
N LEU B 64 -8.49 -20.06 7.06
CA LEU B 64 -8.18 -20.21 5.59
C LEU B 64 -7.49 -19.00 4.99
N SER B 65 -6.72 -19.23 3.94
CA SER B 65 -6.19 -18.12 3.15
C SER B 65 -7.31 -17.26 2.54
N ILE B 66 -6.98 -16.05 2.15
CA ILE B 66 -7.92 -15.24 1.41
C ILE B 66 -8.26 -15.96 0.11
N LYS B 67 -7.28 -16.49 -0.61
CA LYS B 67 -7.58 -17.25 -1.85
C LYS B 67 -8.55 -18.44 -1.62
N ALA B 68 -8.32 -19.22 -0.55
CA ALA B 68 -9.20 -20.34 -0.21
C ALA B 68 -10.62 -19.87 0.12
N ALA B 69 -10.70 -18.97 1.12
CA ALA B 69 -11.99 -18.51 1.64
C ALA B 69 -12.88 -17.86 0.58
N SER B 70 -12.29 -17.17 -0.39
CA SER B 70 -13.08 -16.53 -1.41
C SER B 70 -13.54 -17.53 -2.47
N ALA B 71 -12.77 -18.58 -2.70
CA ALA B 71 -13.22 -19.64 -3.58
C ALA B 71 -14.50 -20.28 -2.98
N ILE B 72 -14.47 -20.58 -1.67
CA ILE B 72 -15.62 -21.20 -1.01
C ILE B 72 -16.79 -20.24 -1.04
N TYR B 73 -16.58 -19.04 -0.51
CA TYR B 73 -17.67 -18.05 -0.42
C TYR B 73 -18.30 -17.74 -1.77
N GLY B 74 -17.50 -17.64 -2.83
CA GLY B 74 -18.05 -17.53 -4.18
C GLY B 74 -19.05 -18.64 -4.48
N ARG B 75 -18.66 -19.85 -4.14
CA ARG B 75 -19.48 -21.01 -4.41
C ARG B 75 -20.76 -20.89 -3.58
N VAL B 76 -20.67 -20.41 -2.35
CA VAL B 76 -21.89 -20.20 -1.58
C VAL B 76 -22.87 -19.19 -2.23
N GLU B 77 -22.35 -18.06 -2.71
CA GLU B 77 -23.17 -17.10 -3.43
C GLU B 77 -23.81 -17.69 -4.69
N GLN B 78 -23.17 -18.65 -5.33
CA GLN B 78 -23.84 -19.39 -6.40
C GLN B 78 -25.05 -20.14 -5.89
N LEU B 79 -24.91 -20.82 -4.75
CA LEU B 79 -26.03 -21.61 -4.27
C LEU B 79 -27.28 -20.77 -3.96
N VAL B 80 -27.12 -19.55 -3.47
CA VAL B 80 -28.26 -18.71 -3.16
C VAL B 80 -28.69 -17.87 -4.34
N GLY B 81 -27.88 -17.81 -5.39
CA GLY B 81 -28.19 -17.01 -6.57
C GLY B 81 -28.07 -15.51 -6.40
N GLY B 82 -26.96 -15.08 -5.81
CA GLY B 82 -26.60 -13.65 -5.71
C GLY B 82 -25.95 -13.32 -4.39
N ALA B 83 -25.90 -12.04 -4.06
CA ALA B 83 -25.40 -11.63 -2.74
C ALA B 83 -26.25 -12.28 -1.64
N LEU B 84 -25.57 -12.74 -0.58
CA LEU B 84 -26.23 -13.25 0.59
C LEU B 84 -26.61 -12.07 1.44
N GLU B 85 -27.89 -11.71 1.51
CA GLU B 85 -28.33 -10.56 2.29
C GLU B 85 -29.13 -10.95 3.55
N LYS B 86 -29.68 -12.14 3.54
CA LYS B 86 -30.80 -12.48 4.42
C LYS B 86 -30.79 -13.97 4.79
N PRO B 87 -31.03 -14.28 6.05
CA PRO B 87 -31.06 -15.70 6.48
C PRO B 87 -31.97 -16.62 5.69
N GLU B 88 -33.07 -16.12 5.19
CA GLU B 88 -34.04 -17.00 4.54
C GLU B 88 -33.49 -17.57 3.25
N GLN B 89 -32.49 -16.91 2.68
CA GLN B 89 -31.84 -17.38 1.50
C GLN B 89 -31.07 -18.62 1.79
N LEU B 90 -30.73 -18.91 3.05
CA LEU B 90 -30.08 -20.20 3.37
C LEU B 90 -31.02 -21.33 3.80
N TYR B 91 -32.26 -21.00 4.11
CA TYR B 91 -33.20 -21.95 4.67
C TYR B 91 -33.40 -23.19 3.82
N ARG B 92 -33.51 -23.00 2.50
CA ARG B 92 -33.68 -24.10 1.54
C ARG B 92 -32.39 -24.45 0.81
N VAL B 93 -31.24 -24.07 1.33
CA VAL B 93 -29.96 -24.53 0.80
C VAL B 93 -29.47 -25.63 1.74
N SER B 94 -29.17 -26.81 1.20
CA SER B 94 -28.89 -27.99 2.03
C SER B 94 -27.48 -27.91 2.64
N ASP B 95 -27.31 -28.56 3.79
CA ASP B 95 -25.96 -28.72 4.36
C ASP B 95 -25.08 -29.42 3.39
N GLU B 96 -25.62 -30.41 2.70
CA GLU B 96 -24.83 -31.19 1.77
C GLU B 96 -24.29 -30.28 0.68
N ALA B 97 -25.14 -29.41 0.14
CA ALA B 97 -24.70 -28.47 -0.89
C ALA B 97 -23.58 -27.54 -0.37
N LEU B 98 -23.76 -27.02 0.84
CA LEU B 98 -22.71 -26.19 1.45
C LEU B 98 -21.41 -26.95 1.62
N ARG B 99 -21.47 -28.23 2.00
CA ARG B 99 -20.25 -29.03 2.09
C ARG B 99 -19.61 -29.22 0.73
N GLN B 100 -20.39 -29.44 -0.32
CA GLN B 100 -19.84 -29.55 -1.64
C GLN B 100 -19.20 -28.24 -2.08
N ALA B 101 -19.69 -27.11 -1.56
CA ALA B 101 -19.07 -25.81 -1.90
C ALA B 101 -17.77 -25.58 -1.15
N GLY B 102 -17.50 -26.41 -0.13
CA GLY B 102 -16.27 -26.33 0.64
C GLY B 102 -16.40 -25.71 2.02
N VAL B 103 -17.64 -25.56 2.52
CA VAL B 103 -17.84 -25.13 3.91
C VAL B 103 -17.78 -26.36 4.82
N SER B 104 -16.95 -26.31 5.86
CA SER B 104 -16.83 -27.40 6.83
C SER B 104 -18.09 -27.62 7.62
N LYS B 105 -18.22 -28.81 8.18
CA LYS B 105 -19.41 -29.16 8.91
C LYS B 105 -19.61 -28.19 10.06
N ARG B 106 -18.51 -27.92 10.74
CA ARG B 106 -18.45 -27.03 11.88
C ARG B 106 -18.91 -25.63 11.51
N LYS B 107 -18.38 -25.09 10.44
CA LYS B 107 -18.78 -23.78 9.98
C LYS B 107 -20.25 -23.72 9.53
N ILE B 108 -20.77 -24.79 8.95
CA ILE B 108 -22.19 -24.86 8.64
C ILE B 108 -22.97 -24.74 9.92
N GLU B 109 -22.53 -25.47 10.94
CA GLU B 109 -23.24 -25.44 12.23
C GLU B 109 -23.34 -24.02 12.76
N TYR B 110 -22.22 -23.30 12.72
CA TYR B 110 -22.19 -21.92 13.15
C TYR B 110 -23.13 -21.05 12.30
N ILE B 111 -23.16 -21.32 10.98
CA ILE B 111 -23.90 -20.45 10.10
C ILE B 111 -25.37 -20.58 10.40
N ARG B 112 -25.78 -21.80 10.68
CA ARG B 112 -27.14 -22.07 11.07
C ARG B 112 -27.48 -21.37 12.35
N HIS B 113 -26.55 -21.39 13.29
CA HIS B 113 -26.76 -20.70 14.55
C HIS B 113 -26.99 -19.21 14.29
N VAL B 114 -26.15 -18.57 13.47
CA VAL B 114 -26.36 -17.15 13.11
C VAL B 114 -27.79 -16.96 12.58
N CYS B 115 -28.25 -17.82 11.69
CA CYS B 115 -29.63 -17.71 11.15
C CYS B 115 -30.74 -17.77 12.19
N GLU B 116 -30.63 -18.70 13.14
CA GLU B 116 -31.62 -18.85 14.18
C GLU B 116 -31.73 -17.55 14.98
N HIS B 117 -30.58 -16.98 15.33
CA HIS B 117 -30.54 -15.73 16.09
C HIS B 117 -31.12 -14.59 15.29
N VAL B 118 -30.73 -14.47 14.03
CA VAL B 118 -31.27 -13.39 13.23
C VAL B 118 -32.76 -13.59 12.99
N GLU B 119 -33.18 -14.80 12.68
CA GLU B 119 -34.59 -15.06 12.36
C GLU B 119 -35.49 -14.94 13.56
N SER B 120 -34.95 -15.15 14.75
CA SER B 120 -35.80 -15.12 15.92
C SER B 120 -35.80 -13.74 16.55
N GLY B 121 -34.95 -12.83 16.07
CA GLY B 121 -34.86 -11.51 16.67
C GLY B 121 -33.86 -11.38 17.80
N ARG B 122 -33.38 -12.49 18.38
CA ARG B 122 -32.37 -12.39 19.44
C ARG B 122 -31.27 -11.43 19.03
N LEU B 123 -30.90 -11.47 17.75
CA LEU B 123 -29.85 -10.60 17.22
C LEU B 123 -30.42 -9.69 16.15
N ASP B 124 -30.70 -8.43 16.53
CA ASP B 124 -31.28 -7.44 15.63
C ASP B 124 -30.32 -6.28 15.46
N PHE B 125 -29.88 -6.06 14.23
CA PHE B 125 -28.82 -5.09 13.97
C PHE B 125 -29.26 -3.63 14.12
N THR B 126 -30.56 -3.36 14.01
CA THR B 126 -31.03 -2.03 14.36
C THR B 126 -30.95 -1.83 15.86
N GLU B 127 -31.54 -2.75 16.65
CA GLU B 127 -31.42 -2.70 18.11
C GLU B 127 -29.96 -2.46 18.54
N LEU B 128 -28.99 -3.11 17.88
CA LEU B 128 -27.55 -2.94 18.24
C LEU B 128 -26.86 -1.64 17.77
N GLU B 129 -27.47 -0.91 16.83
CA GLU B 129 -26.86 0.29 16.25
C GLU B 129 -26.67 1.41 17.29
N GLY B 130 -27.27 1.23 18.47
CA GLY B 130 -27.05 2.14 19.57
C GLY B 130 -27.18 1.43 20.91
N ALA B 131 -26.57 0.26 21.02
CA ALA B 131 -26.50 -0.43 22.29
C ALA B 131 -25.21 -0.03 23.00
N GLU B 132 -25.11 -0.25 24.30
CA GLU B 132 -23.82 -0.13 24.96
C GLU B 132 -22.99 -1.29 24.43
N ALA B 133 -21.68 -1.08 24.23
CA ALA B 133 -20.84 -2.11 23.63
C ALA B 133 -20.85 -3.39 24.45
N THR B 134 -20.84 -3.31 25.78
CA THR B 134 -21.00 -4.50 26.62
C THR B 134 -22.13 -5.37 26.04
N THR B 135 -23.22 -4.75 25.59
CA THR B 135 -24.43 -5.47 25.14
C THR B 135 -24.30 -5.99 23.71
N VAL B 136 -23.79 -5.16 22.82
CA VAL B 136 -23.52 -5.61 21.47
C VAL B 136 -22.61 -6.86 21.48
N ILE B 137 -21.51 -6.82 22.23
CA ILE B 137 -20.57 -7.95 22.28
C ILE B 137 -21.27 -9.19 22.84
N GLU B 138 -22.20 -8.97 23.78
CA GLU B 138 -22.98 -10.06 24.41
C GLU B 138 -23.89 -10.75 23.39
N LYS B 139 -24.61 -9.97 22.59
CA LYS B 139 -25.51 -10.53 21.60
C LYS B 139 -24.73 -11.32 20.55
N LEU B 140 -23.62 -10.76 20.08
CA LEU B 140 -22.81 -11.43 19.09
C LEU B 140 -22.15 -12.72 19.59
N THR B 141 -21.51 -12.70 20.75
CA THR B 141 -20.72 -13.89 21.15
C THR B 141 -21.54 -15.05 21.72
N ALA B 142 -22.79 -14.75 22.05
CA ALA B 142 -23.82 -15.75 22.37
C ALA B 142 -24.01 -16.71 21.24
N ILE B 143 -23.60 -16.33 20.02
CA ILE B 143 -23.68 -17.23 18.90
C ILE B 143 -22.51 -18.20 19.01
N LYS B 144 -22.82 -19.49 18.86
CA LYS B 144 -21.79 -20.50 18.85
C LYS B 144 -20.99 -20.26 17.60
N GLY B 145 -19.69 -20.16 17.78
CA GLY B 145 -18.78 -19.87 16.67
C GLY B 145 -18.28 -18.42 16.59
N ILE B 146 -18.82 -17.52 17.41
CA ILE B 146 -18.35 -16.16 17.49
C ILE B 146 -17.84 -15.85 18.87
N GLY B 147 -16.53 -15.67 18.99
CA GLY B 147 -15.90 -15.17 20.22
C GLY B 147 -15.59 -13.68 20.15
N GLN B 148 -14.90 -13.16 21.17
CA GLN B 148 -14.75 -11.71 21.34
C GLN B 148 -14.11 -11.02 20.16
N TRP B 149 -12.92 -11.48 19.79
CA TRP B 149 -12.19 -10.87 18.67
C TRP B 149 -13.10 -10.74 17.45
N THR B 150 -13.74 -11.83 17.02
CA THR B 150 -14.64 -11.73 15.89
C THR B 150 -15.68 -10.68 16.12
N ALA B 151 -16.29 -10.67 17.30
CA ALA B 151 -17.34 -9.70 17.56
C ALA B 151 -16.76 -8.30 17.46
N GLU B 152 -15.58 -8.11 18.04
CA GLU B 152 -14.94 -6.79 18.04
C GLU B 152 -14.63 -6.29 16.66
N PHE B 154 -16.13 -7.32 14.05
CA PHE B 154 -17.42 -7.07 13.44
C PHE B 154 -17.96 -5.67 13.80
N PHE B 157 -15.61 -2.89 11.68
CA PHE B 157 -15.60 -2.95 10.21
C PHE B 157 -16.93 -3.34 9.59
N SER B 158 -17.98 -3.51 10.40
CA SER B 158 -19.29 -3.80 9.83
C SER B 158 -20.40 -2.91 10.40
N LEU B 159 -20.35 -2.60 11.69
CA LEU B 159 -21.25 -1.59 12.29
C LEU B 159 -20.66 -0.20 12.30
N GLY B 160 -19.39 -0.06 11.94
CA GLY B 160 -18.71 1.23 12.03
C GLY B 160 -18.68 1.92 13.39
N ARG B 161 -18.73 1.12 14.47
CA ARG B 161 -18.56 1.64 15.82
C ARG B 161 -17.11 2.12 16.11
N LEU B 162 -16.97 3.24 16.79
CA LEU B 162 -15.63 3.79 17.00
C LEU B 162 -15.12 3.57 18.44
N ASP B 163 -15.94 2.89 19.24
CA ASP B 163 -15.70 2.73 20.66
C ASP B 163 -15.24 1.31 20.99
N VAL B 164 -14.46 0.72 20.11
CA VAL B 164 -14.02 -0.65 20.28
C VAL B 164 -12.53 -0.75 20.35
N LEU B 165 -12.05 -1.54 21.30
CA LEU B 165 -10.63 -1.81 21.47
C LEU B 165 -10.55 -3.32 21.53
N SER B 166 -9.84 -3.93 20.58
CA SER B 166 -9.70 -5.39 20.62
C SER B 166 -8.34 -5.83 21.22
N VAL B 167 -8.34 -6.01 22.52
CA VAL B 167 -7.12 -6.25 23.31
C VAL B 167 -6.43 -7.55 22.93
N GLY B 168 -7.22 -8.54 22.52
CA GLY B 168 -6.65 -9.78 22.06
C GLY B 168 -6.19 -9.80 20.61
N ASP B 169 -6.20 -8.68 19.91
CA ASP B 169 -5.69 -8.66 18.52
C ASP B 169 -4.14 -8.64 18.46
N VAL B 170 -3.52 -9.66 17.87
CA VAL B 170 -2.05 -9.76 17.95
C VAL B 170 -1.38 -8.56 17.31
N GLY B 171 -1.97 -8.06 16.21
CA GLY B 171 -1.49 -6.84 15.56
C GLY B 171 -1.52 -5.60 16.44
N LEU B 172 -2.65 -5.38 17.12
CA LEU B 172 -2.76 -4.23 17.99
C LEU B 172 -1.73 -4.33 19.11
N GLN B 173 -1.44 -5.53 19.59
CA GLN B 173 -0.41 -5.67 20.61
C GLN B 173 0.95 -5.26 20.08
N ARG B 174 1.30 -5.75 18.91
CA ARG B 174 2.56 -5.39 18.29
C ARG B 174 2.63 -3.87 18.07
N GLY B 175 1.52 -3.25 17.66
CA GLY B 175 1.45 -1.81 17.55
C GLY B 175 1.75 -1.16 18.89
N ALA B 176 1.12 -1.66 19.96
CA ALA B 176 1.34 -1.15 21.32
C ALA B 176 2.81 -1.29 21.73
N LYS B 177 3.41 -2.44 21.41
CA LYS B 177 4.83 -2.64 21.67
C LYS B 177 5.70 -1.61 20.95
N TRP B 178 5.31 -1.28 19.74
CA TRP B 178 6.13 -0.47 18.89
C TRP B 178 6.10 0.96 19.41
N LEU B 179 4.88 1.42 19.72
CA LEU B 179 4.58 2.80 20.10
C LEU B 179 4.96 3.15 21.56
N TYR B 180 4.62 2.29 22.51
CA TYR B 180 4.81 2.56 23.94
C TYR B 180 5.85 1.64 24.58
N GLY B 181 6.09 0.46 24.03
CA GLY B 181 7.21 -0.35 24.51
C GLY B 181 8.41 0.20 23.79
N ASN B 182 9.48 -0.53 23.68
CA ASN B 182 10.42 -0.08 22.67
C ASN B 182 10.60 -1.17 21.65
N GLY B 183 9.47 -1.79 21.29
CA GLY B 183 9.48 -3.06 20.58
C GLY B 183 9.62 -4.22 21.56
N GLU B 184 9.45 -3.88 22.84
CA GLU B 184 9.49 -4.82 23.96
C GLU B 184 8.20 -4.63 24.75
N GLY B 185 8.12 -5.25 25.93
CA GLY B 185 7.01 -5.06 26.85
C GLY B 185 5.94 -6.07 26.56
N ASP B 186 4.87 -6.04 27.38
CA ASP B 186 3.69 -6.84 27.17
C ASP B 186 2.69 -5.96 26.39
N GLY B 187 2.44 -6.35 25.14
CA GLY B 187 1.56 -5.60 24.26
C GLY B 187 0.13 -5.60 24.73
N LYS B 188 -0.27 -6.68 25.39
CA LYS B 188 -1.63 -6.80 25.87
C LYS B 188 -1.77 -5.82 27.02
N LYS B 189 -0.85 -5.85 27.97
CA LYS B 189 -0.91 -4.94 29.11
C LYS B 189 -0.81 -3.47 28.71
N LEU B 190 0.01 -3.18 27.70
CA LEU B 190 0.14 -1.81 27.16
C LEU B 190 -1.15 -1.31 26.51
N LEU B 191 -1.83 -2.20 25.78
CA LEU B 191 -3.12 -1.84 25.20
C LEU B 191 -4.11 -1.50 26.29
N ILE B 192 -4.23 -2.40 27.25
CA ILE B 192 -5.17 -2.19 28.35
C ILE B 192 -4.88 -0.88 29.06
N TYR B 193 -3.60 -0.56 29.30
CA TYR B 193 -3.31 0.69 30.01
C TYR B 193 -3.55 1.93 29.14
N HIS B 194 -2.87 2.00 28.01
CA HIS B 194 -2.96 3.18 27.15
C HIS B 194 -4.32 3.38 26.50
N GLY B 195 -5.05 2.30 26.31
CA GLY B 195 -6.37 2.39 25.74
C GLY B 195 -7.33 3.21 26.58
N LYS B 196 -7.08 3.33 27.89
CA LYS B 196 -7.92 4.17 28.71
C LYS B 196 -7.93 5.64 28.22
N ALA B 197 -6.85 6.12 27.63
CA ALA B 197 -6.78 7.50 27.20
C ALA B 197 -7.59 7.76 25.93
N TRP B 198 -8.10 6.72 25.26
CA TRP B 198 -8.73 6.93 23.93
C TRP B 198 -10.29 6.94 23.92
N ALA B 199 -10.92 6.71 25.07
CA ALA B 199 -12.39 6.73 25.14
C ALA B 199 -12.93 8.04 24.57
N PRO B 200 -14.02 7.98 23.78
CA PRO B 200 -14.73 6.82 23.21
C PRO B 200 -14.40 6.50 21.74
N TYR B 201 -13.18 6.80 21.30
CA TYR B 201 -12.80 6.61 19.90
C TYR B 201 -11.64 5.63 19.80
N GLU B 202 -11.74 4.55 20.56
CA GLU B 202 -10.70 3.55 20.60
C GLU B 202 -10.39 2.94 19.23
N THR B 203 -11.44 2.62 18.49
CA THR B 203 -11.28 2.12 17.12
C THR B 203 -10.34 3.02 16.32
N VAL B 204 -10.45 4.32 16.51
CA VAL B 204 -9.66 5.22 15.69
C VAL B 204 -8.18 5.05 16.04
N ALA B 205 -7.86 4.85 17.32
CA ALA B 205 -6.49 4.58 17.76
C ALA B 205 -6.02 3.18 17.29
N CYS B 206 -6.92 2.21 17.25
CA CYS B 206 -6.55 0.89 16.76
C CYS B 206 -6.17 0.93 15.31
N LEU B 207 -6.82 1.78 14.53
CA LEU B 207 -6.41 1.93 13.16
C LEU B 207 -4.94 2.34 13.13
N TYR B 208 -4.57 3.34 13.95
CA TYR B 208 -3.15 3.79 13.96
C TYR B 208 -2.20 2.72 14.46
N LEU B 209 -2.59 1.98 15.47
CA LEU B 209 -1.74 0.91 16.00
C LEU B 209 -1.45 -0.09 14.92
N TRP B 210 -2.46 -0.46 14.13
CA TRP B 210 -2.26 -1.40 13.03
C TRP B 210 -1.31 -0.84 11.97
N LYS B 211 -1.47 0.44 11.65
CA LYS B 211 -0.53 1.15 10.80
C LYS B 211 0.89 1.02 11.37
N ALA B 212 1.05 1.07 12.69
CA ALA B 212 2.38 0.83 13.31
C ALA B 212 2.88 -0.62 13.17
N ALA B 213 1.99 -1.59 13.39
CA ALA B 213 2.36 -3.00 13.35
C ALA B 213 2.89 -3.44 11.98
N GLY B 214 2.48 -2.72 10.93
CA GLY B 214 2.73 -3.13 9.55
C GLY B 214 3.80 -2.31 8.85
N THR B 215 3.43 -1.10 8.43
CA THR B 215 4.31 -0.28 7.59
C THR B 215 5.60 0.11 8.35
N PHE B 216 5.42 0.58 9.59
CA PHE B 216 6.51 1.13 10.42
C PHE B 216 7.33 0.13 11.23
N ALA B 217 6.69 -0.94 11.67
CA ALA B 217 7.39 -1.98 12.39
C ALA B 217 8.37 -2.65 11.45
N GLU B 218 8.02 -2.75 10.16
CA GLU B 218 8.93 -3.30 9.14
C GLU B 218 10.18 -2.46 8.96
N GLU B 219 10.13 -1.15 9.23
CA GLU B 219 11.29 -0.28 8.94
C GLU B 219 12.01 0.33 10.17
N TYR B 220 11.37 0.33 11.34
CA TYR B 220 12.01 0.84 12.57
C TYR B 220 11.57 -0.04 13.73
N ARG B 221 12.50 -0.38 14.62
CA ARG B 221 12.19 -1.19 15.79
C ARG B 221 11.02 -0.56 16.53
N SER B 222 11.04 0.76 16.73
CA SER B 222 10.04 1.42 17.57
C SER B 222 9.95 2.91 17.32
N LEU B 223 8.83 3.51 17.72
CA LEU B 223 8.67 4.97 17.65
C LEU B 223 9.96 5.71 18.02
N GLU B 224 10.60 5.27 19.10
CA GLU B 224 11.81 5.98 19.56
C GLU B 224 12.89 5.98 18.49
N GLU B 225 13.07 4.87 17.77
CA GLU B 225 13.99 4.84 16.62
C GLU B 225 13.52 5.69 15.44
N LEU B 226 12.23 5.69 15.13
CA LEU B 226 11.69 6.51 14.05
C LEU B 226 11.97 7.98 14.33
N LEU B 227 11.78 8.41 15.58
CA LEU B 227 12.09 9.79 15.97
C LEU B 227 13.56 10.15 15.89
N HIS B 228 14.43 9.16 16.02
CA HIS B 228 15.86 9.41 15.84
C HIS B 228 16.25 9.64 14.40
N HIS B 229 15.30 9.45 13.48
CA HIS B 229 15.56 9.58 12.06
C HIS B 229 16.12 10.95 11.65
N ARG C 14 -18.99 -8.82 -7.76
CA ARG C 14 -20.20 -7.99 -7.65
C ARG C 14 -21.25 -8.34 -8.71
N TYR C 15 -22.50 -8.48 -8.28
CA TYR C 15 -23.62 -8.81 -9.15
C TYR C 15 -24.48 -7.58 -9.41
N PHE C 16 -24.93 -7.42 -10.64
CA PHE C 16 -25.91 -6.39 -10.98
C PHE C 16 -27.09 -7.11 -11.58
N SER C 17 -28.24 -6.95 -10.96
CA SER C 17 -29.46 -7.54 -11.49
C SER C 17 -30.34 -6.49 -12.13
N THR C 18 -31.32 -6.97 -12.85
CA THR C 18 -32.43 -6.15 -13.33
C THR C 18 -32.99 -5.24 -12.21
N ASP C 19 -32.81 -5.62 -10.95
CA ASP C 19 -33.32 -4.86 -9.81
C ASP C 19 -32.33 -3.90 -9.18
N SER C 20 -31.14 -3.72 -9.75
CA SER C 20 -30.18 -2.79 -9.13
C SER C 20 -30.33 -1.40 -9.75
N PRO C 21 -29.92 -0.35 -9.01
CA PRO C 21 -30.16 1.00 -9.51
C PRO C 21 -29.37 1.33 -10.75
N GLU C 22 -28.19 0.74 -10.89
CA GLU C 22 -27.35 1.02 -12.05
C GLU C 22 -28.01 0.49 -13.32
N VAL C 23 -28.56 -0.71 -13.22
CA VAL C 23 -29.28 -1.28 -14.32
C VAL C 23 -30.47 -0.41 -14.60
N LYS C 24 -31.25 -0.11 -13.57
CA LYS C 24 -32.45 0.75 -13.71
C LYS C 24 -32.15 2.12 -14.40
N THR C 25 -30.98 2.69 -14.13
CA THR C 25 -30.57 3.94 -14.78
C THR C 25 -30.31 3.78 -16.28
N ILE C 26 -29.62 2.71 -16.65
CA ILE C 26 -29.22 2.52 -18.06
C ILE C 26 -30.41 2.02 -18.89
N VAL C 27 -31.31 1.23 -18.30
CA VAL C 27 -32.54 0.83 -19.02
C VAL C 27 -33.52 2.00 -19.22
N ALA C 28 -33.48 2.99 -18.33
CA ALA C 28 -34.41 4.13 -18.41
C ALA C 28 -34.07 5.09 -19.55
N GLN C 29 -32.88 4.95 -20.16
CA GLN C 29 -32.53 5.77 -21.34
C GLN C 29 -32.38 4.98 -22.64
N ASP C 30 -32.09 3.68 -22.52
CA ASP C 30 -31.88 2.82 -23.67
C ASP C 30 -32.87 1.65 -23.63
N SER C 31 -33.98 1.78 -24.34
CA SER C 31 -35.04 0.75 -24.29
C SER C 31 -34.68 -0.50 -25.06
N ARG C 32 -33.76 -0.41 -26.00
CA ARG C 32 -33.25 -1.63 -26.64
C ARG C 32 -32.44 -2.41 -25.65
N LEU C 33 -31.59 -1.73 -24.89
CA LEU C 33 -30.88 -2.41 -23.84
C LEU C 33 -31.87 -3.00 -22.81
N PHE C 34 -32.99 -2.35 -22.58
CA PHE C 34 -34.01 -2.89 -21.67
C PHE C 34 -34.59 -4.20 -22.23
N GLN C 35 -34.79 -4.26 -23.53
CA GLN C 35 -35.36 -5.44 -24.19
C GLN C 35 -34.39 -6.64 -24.12
N PHE C 36 -33.09 -6.40 -24.26
CA PHE C 36 -32.10 -7.43 -24.02
C PHE C 36 -32.02 -7.86 -22.54
N ILE C 37 -31.87 -6.90 -21.63
CA ILE C 37 -31.71 -7.24 -20.20
C ILE C 37 -32.90 -7.94 -19.58
N GLU C 38 -34.12 -7.77 -20.12
CA GLU C 38 -35.25 -8.59 -19.67
C GLU C 38 -34.83 -10.03 -19.78
N ILE C 39 -34.43 -10.42 -20.98
CA ILE C 39 -34.04 -11.77 -21.29
C ILE C 39 -32.68 -12.13 -20.68
N ALA C 40 -31.72 -11.21 -20.70
CA ALA C 40 -30.32 -11.55 -20.38
C ALA C 40 -30.08 -11.95 -18.93
N GLY C 41 -30.77 -11.32 -18.00
CA GLY C 41 -30.60 -11.60 -16.57
C GLY C 41 -29.54 -10.73 -15.85
N GLU C 42 -28.86 -11.31 -14.85
CA GLU C 42 -27.83 -10.63 -14.09
C GLU C 42 -26.50 -10.72 -14.82
N VAL C 43 -25.58 -9.83 -14.49
CA VAL C 43 -24.19 -9.89 -14.95
C VAL C 43 -23.27 -9.58 -13.79
N GLN C 44 -22.07 -10.15 -13.85
CA GLN C 44 -21.10 -10.01 -12.75
C GLN C 44 -19.95 -9.10 -13.13
N LEU C 45 -19.52 -8.24 -12.20
CA LEU C 45 -18.24 -7.54 -12.32
C LEU C 45 -17.23 -8.19 -11.35
N PRO C 46 -16.26 -8.95 -11.91
CA PRO C 46 -15.21 -9.54 -11.05
C PRO C 46 -14.05 -8.59 -10.76
N THR C 47 -13.26 -8.93 -9.77
CA THR C 47 -12.06 -8.19 -9.45
C THR C 47 -10.84 -9.00 -9.85
N LYS C 48 -9.79 -8.34 -10.32
CA LYS C 48 -8.46 -8.93 -10.41
C LYS C 48 -7.66 -8.40 -9.23
N PRO C 49 -7.12 -9.30 -8.41
CA PRO C 49 -6.61 -8.84 -7.13
C PRO C 49 -5.31 -8.05 -7.29
N ASN C 50 -4.34 -8.65 -7.98
CA ASN C 50 -3.00 -8.09 -8.12
C ASN C 50 -2.89 -7.18 -9.37
N PRO C 51 -2.75 -5.86 -9.16
CA PRO C 51 -2.68 -4.93 -10.29
C PRO C 51 -1.64 -5.30 -11.32
N PHE C 52 -0.49 -5.74 -10.86
CA PHE C 52 0.57 -6.15 -11.77
C PHE C 52 0.09 -7.33 -12.62
N GLN C 53 -0.51 -8.31 -11.96
CA GLN C 53 -0.99 -9.49 -12.65
C GLN C 53 -2.18 -9.14 -13.56
N SER C 54 -3.00 -8.19 -13.10
CA SER C 54 -4.12 -7.61 -13.87
C SER C 54 -3.66 -7.07 -15.23
N LEU C 55 -2.62 -6.23 -15.22
CA LEU C 55 -2.07 -5.68 -16.48
C LEU C 55 -1.42 -6.75 -17.36
N VAL C 56 -0.64 -7.65 -16.76
CA VAL C 56 -0.04 -8.74 -17.52
C VAL C 56 -1.16 -9.61 -18.13
N SER C 57 -2.14 -9.93 -17.30
CA SER C 57 -3.35 -10.65 -17.73
C SER C 57 -3.98 -9.99 -18.98
N SER C 58 -4.30 -8.69 -18.86
CA SER C 58 -4.83 -7.90 -19.97
C SER C 58 -3.92 -7.93 -21.21
N ILE C 59 -2.61 -7.77 -21.02
CA ILE C 59 -1.68 -7.69 -22.16
C ILE C 59 -1.68 -8.95 -23.01
N VAL C 60 -1.68 -10.12 -22.36
CA VAL C 60 -1.72 -11.42 -23.04
C VAL C 60 -3.07 -11.74 -23.72
N GLU C 61 -4.18 -11.25 -23.12
CA GLU C 61 -5.56 -11.50 -23.61
C GLU C 61 -5.88 -10.80 -24.91
N GLN C 62 -5.35 -9.59 -25.02
CA GLN C 62 -5.89 -8.57 -25.93
C GLN C 62 -5.95 -9.03 -27.38
N GLN C 63 -7.10 -8.77 -28.02
CA GLN C 63 -7.38 -9.18 -29.41
C GLN C 63 -7.03 -10.66 -29.73
N LEU C 64 -7.16 -11.53 -28.72
CA LEU C 64 -6.90 -12.97 -28.85
C LEU C 64 -8.17 -13.72 -28.44
N SER C 65 -8.29 -14.96 -28.90
CA SER C 65 -9.33 -15.91 -28.49
C SER C 65 -9.30 -16.11 -26.95
N ILE C 66 -10.47 -16.36 -26.37
CA ILE C 66 -10.58 -16.62 -24.92
C ILE C 66 -9.92 -17.97 -24.57
N LYS C 67 -10.10 -18.97 -25.43
CA LYS C 67 -9.45 -20.28 -25.30
C LYS C 67 -7.93 -20.16 -25.39
N ALA C 68 -7.42 -19.49 -26.44
CA ALA C 68 -5.99 -19.37 -26.68
C ALA C 68 -5.32 -18.43 -25.68
N ALA C 69 -6.05 -17.43 -25.20
CA ALA C 69 -5.54 -16.49 -24.18
C ALA C 69 -5.40 -17.14 -22.80
N SER C 70 -6.28 -18.09 -22.47
CA SER C 70 -6.19 -18.84 -21.22
C SER C 70 -5.08 -19.90 -21.27
N ALA C 71 -5.00 -20.62 -22.39
CA ALA C 71 -3.92 -21.59 -22.64
C ALA C 71 -2.57 -20.89 -22.59
N ILE C 72 -2.45 -19.80 -23.35
CA ILE C 72 -1.21 -19.00 -23.36
C ILE C 72 -0.87 -18.52 -21.94
N TYR C 73 -1.86 -18.09 -21.16
CA TYR C 73 -1.63 -17.55 -19.80
C TYR C 73 -1.14 -18.60 -18.76
N GLY C 74 -1.77 -19.79 -18.77
CA GLY C 74 -1.43 -20.88 -17.84
C GLY C 74 -0.04 -21.47 -18.04
N ARG C 75 0.42 -21.48 -19.29
CA ARG C 75 1.81 -21.78 -19.61
C ARG C 75 2.74 -20.84 -18.85
N VAL C 76 2.44 -19.55 -18.97
CA VAL C 76 3.17 -18.49 -18.28
C VAL C 76 3.16 -18.69 -16.76
N GLU C 77 1.97 -18.99 -16.21
CA GLU C 77 1.81 -19.24 -14.77
C GLU C 77 2.92 -20.14 -14.19
N GLN C 78 3.18 -21.26 -14.87
CA GLN C 78 4.20 -22.19 -14.41
C GLN C 78 5.59 -21.54 -14.28
N LEU C 79 6.11 -21.04 -15.40
CA LEU C 79 7.51 -20.63 -15.54
C LEU C 79 7.95 -19.52 -14.56
N ALA C 83 1.43 -19.02 -9.38
CA ALA C 83 0.64 -17.80 -9.51
C ALA C 83 1.55 -16.58 -9.67
N LEU C 84 1.06 -15.58 -10.42
CA LEU C 84 1.83 -14.36 -10.73
C LEU C 84 1.49 -13.29 -9.70
N GLU C 85 2.47 -12.98 -8.84
CA GLU C 85 2.29 -12.02 -7.74
C GLU C 85 3.19 -10.78 -7.93
N LYS C 86 4.48 -10.96 -8.23
CA LYS C 86 5.45 -9.84 -8.31
C LYS C 86 6.25 -9.85 -9.63
N PRO C 87 6.81 -8.68 -10.03
CA PRO C 87 7.76 -8.66 -11.17
C PRO C 87 9.09 -9.36 -10.86
N GLU C 88 9.55 -9.26 -9.61
CA GLU C 88 10.74 -9.98 -9.17
C GLU C 88 10.74 -11.40 -9.75
N GLN C 89 9.57 -12.03 -9.82
CA GLN C 89 9.42 -13.39 -10.39
C GLN C 89 9.91 -13.51 -11.85
N LEU C 90 9.30 -12.75 -12.75
CA LEU C 90 9.63 -12.77 -14.18
C LEU C 90 11.05 -12.32 -14.57
N TYR C 91 11.92 -12.02 -13.60
CA TYR C 91 13.35 -11.77 -13.87
C TYR C 91 14.08 -13.11 -14.20
N ARG C 92 14.66 -13.77 -13.19
CA ARG C 92 15.35 -15.06 -13.40
C ARG C 92 14.35 -16.21 -13.50
N SER C 94 12.83 -15.42 -19.41
CA SER C 94 13.55 -15.39 -20.69
C SER C 94 12.60 -15.02 -21.82
N ASP C 95 13.15 -14.39 -22.87
CA ASP C 95 12.33 -13.96 -24.02
C ASP C 95 12.29 -14.99 -25.18
N GLU C 96 13.12 -16.04 -25.13
CA GLU C 96 12.87 -17.24 -25.95
C GLU C 96 11.75 -18.03 -25.26
N ALA C 97 11.81 -18.08 -23.94
CA ALA C 97 10.77 -18.72 -23.13
C ALA C 97 9.35 -18.16 -23.35
N LEU C 98 9.10 -16.90 -23.00
CA LEU C 98 7.74 -16.27 -23.04
C LEU C 98 7.06 -16.41 -24.41
N ARG C 99 7.82 -16.15 -25.47
CA ARG C 99 7.36 -16.44 -26.83
C ARG C 99 7.12 -17.94 -27.06
N GLN C 100 8.03 -18.79 -26.55
CA GLN C 100 7.85 -20.26 -26.63
C GLN C 100 6.62 -20.72 -25.83
N ALA C 101 5.86 -19.77 -25.28
CA ALA C 101 4.52 -20.04 -24.75
C ALA C 101 3.49 -19.82 -25.85
N VAL C 103 2.81 -15.94 -26.42
CA VAL C 103 2.91 -14.50 -26.25
C VAL C 103 3.89 -13.89 -27.26
N SER C 104 3.45 -12.83 -27.92
CA SER C 104 4.16 -12.27 -29.08
C SER C 104 5.35 -11.36 -28.74
N LYS C 105 6.03 -10.88 -29.80
CA LYS C 105 7.04 -9.81 -29.70
C LYS C 105 6.41 -8.53 -29.12
N ARG C 106 5.26 -8.14 -29.68
CA ARG C 106 4.48 -6.97 -29.23
C ARG C 106 4.11 -7.08 -27.73
N LYS C 107 3.58 -8.23 -27.33
CA LYS C 107 3.23 -8.50 -25.93
C LYS C 107 4.46 -8.84 -25.06
N ILE C 108 5.48 -9.48 -25.63
CA ILE C 108 6.76 -9.65 -24.93
C ILE C 108 7.37 -8.26 -24.55
N GLU C 109 7.43 -7.33 -25.51
CA GLU C 109 7.87 -5.94 -25.23
C GLU C 109 7.05 -5.30 -24.11
N TYR C 110 5.78 -4.95 -24.36
CA TYR C 110 4.92 -4.24 -23.38
C TYR C 110 5.00 -4.78 -21.95
N ILE C 111 5.13 -6.09 -21.81
CA ILE C 111 5.14 -6.73 -20.48
C ILE C 111 6.46 -6.43 -19.77
N ARG C 112 7.58 -6.41 -20.47
CA ARG C 112 8.86 -6.07 -19.81
C ARG C 112 8.91 -4.62 -19.29
N HIS C 113 8.25 -3.71 -19.99
CA HIS C 113 8.14 -2.33 -19.53
C HIS C 113 7.40 -2.30 -18.21
N VAL C 114 6.28 -3.03 -18.17
CA VAL C 114 5.39 -3.05 -17.01
C VAL C 114 6.13 -3.40 -15.73
N CYS C 115 7.15 -4.26 -15.82
CA CYS C 115 8.00 -4.60 -14.67
C CYS C 115 8.94 -3.51 -14.27
N GLU C 116 9.63 -2.93 -15.26
CA GLU C 116 10.49 -1.79 -14.99
C GLU C 116 9.65 -0.70 -14.30
N HIS C 117 8.40 -0.54 -14.69
CA HIS C 117 7.54 0.45 -14.04
C HIS C 117 7.12 0.08 -12.65
N VAL C 118 6.83 -1.20 -12.45
CA VAL C 118 6.40 -1.66 -11.15
C VAL C 118 7.56 -1.84 -10.18
N GLU C 119 8.70 -2.35 -10.66
CA GLU C 119 9.90 -2.48 -9.79
C GLU C 119 10.47 -1.13 -9.42
N SER C 120 10.54 -0.21 -10.39
CA SER C 120 11.07 1.13 -10.15
C SER C 120 10.23 1.95 -9.19
N GLY C 121 8.95 1.62 -9.06
CA GLY C 121 8.06 2.41 -8.24
C GLY C 121 7.59 3.68 -8.93
N ARG C 122 7.77 3.75 -10.25
CA ARG C 122 7.17 4.82 -11.04
C ARG C 122 5.69 4.67 -10.82
N LEU C 123 5.20 3.44 -11.00
CA LEU C 123 3.77 3.13 -11.06
C LEU C 123 3.32 2.39 -9.79
N ASP C 124 3.05 3.16 -8.72
CA ASP C 124 2.44 2.66 -7.46
C ASP C 124 0.97 3.11 -7.42
N PHE C 125 0.06 2.15 -7.24
CA PHE C 125 -1.35 2.31 -7.67
C PHE C 125 -2.31 3.09 -6.78
N THR C 126 -1.85 3.54 -5.61
CA THR C 126 -2.63 4.41 -4.69
C THR C 126 -3.52 5.45 -5.41
N THR C 134 -10.43 10.06 -15.24
CA THR C 134 -10.26 11.00 -16.36
C THR C 134 -8.77 11.36 -16.48
N THR C 135 -8.14 11.65 -15.34
CA THR C 135 -6.69 11.74 -15.25
C THR C 135 -6.10 10.34 -14.99
N VAL C 136 -7.01 9.41 -14.69
CA VAL C 136 -6.66 8.01 -14.44
C VAL C 136 -6.22 7.31 -15.76
N ILE C 137 -6.98 7.56 -16.81
CA ILE C 137 -6.61 7.15 -18.18
C ILE C 137 -5.26 7.79 -18.60
N GLU C 138 -5.04 9.04 -18.15
CA GLU C 138 -3.82 9.78 -18.44
C GLU C 138 -2.57 9.17 -17.80
N LYS C 139 -2.66 8.81 -16.51
CA LYS C 139 -1.51 8.25 -15.79
C LYS C 139 -1.23 6.79 -16.16
N LEU C 140 -2.29 6.06 -16.50
CA LEU C 140 -2.14 4.67 -16.96
C LEU C 140 -1.40 4.67 -18.32
N THR C 141 -1.83 5.54 -19.24
CA THR C 141 -1.26 5.65 -20.59
C THR C 141 0.12 6.36 -20.65
N ILE C 146 1.13 -0.47 -21.88
CA ILE C 146 0.11 0.31 -21.15
C ILE C 146 -0.48 1.46 -22.02
N GLY C 147 -1.51 1.09 -22.80
CA GLY C 147 -2.32 2.00 -23.64
C GLY C 147 -3.83 1.94 -23.38
N GLN C 148 -4.60 2.70 -24.16
CA GLN C 148 -6.00 3.04 -23.83
C GLN C 148 -6.91 1.85 -23.40
N TRP C 149 -6.92 0.80 -24.19
CA TRP C 149 -7.76 -0.35 -23.92
C TRP C 149 -7.35 -1.02 -22.62
N THR C 150 -6.05 -1.19 -22.41
CA THR C 150 -5.56 -1.88 -21.20
C THR C 150 -5.89 -1.11 -19.95
N ALA C 151 -5.65 0.21 -20.02
CA ALA C 151 -5.97 1.15 -18.93
C ALA C 151 -7.45 1.08 -18.63
N GLU C 152 -8.23 1.01 -19.72
CA GLU C 152 -9.70 0.84 -19.65
C GLU C 152 -10.06 -0.45 -18.94
N PHE C 154 -8.11 -2.16 -16.89
CA PHE C 154 -7.64 -2.01 -15.54
C PHE C 154 -8.67 -1.28 -14.69
N PHE C 157 -11.71 -3.74 -14.01
CA PHE C 157 -11.51 -4.98 -13.28
C PHE C 157 -10.61 -4.87 -12.05
N SER C 158 -9.82 -3.80 -11.96
CA SER C 158 -8.90 -3.61 -10.84
C SER C 158 -9.27 -2.46 -9.93
N LEU C 159 -9.73 -1.35 -10.49
CA LEU C 159 -10.21 -0.24 -9.67
C LEU C 159 -11.72 -0.28 -9.51
N GLY C 160 -12.38 -1.23 -10.18
CA GLY C 160 -13.81 -1.45 -10.01
C GLY C 160 -14.69 -0.28 -10.42
N ARG C 161 -14.25 0.49 -11.41
CA ARG C 161 -14.99 1.70 -11.81
C ARG C 161 -16.15 1.39 -12.71
N LEU C 162 -17.31 1.95 -12.41
CA LEU C 162 -18.51 1.67 -13.19
C LEU C 162 -18.74 2.60 -14.39
N ASP C 163 -17.84 3.56 -14.59
CA ASP C 163 -18.06 4.57 -15.60
C ASP C 163 -17.07 4.42 -16.73
N VAL C 164 -16.95 3.21 -17.26
CA VAL C 164 -15.98 2.97 -18.30
C VAL C 164 -16.64 2.35 -19.52
N LEU C 165 -16.27 2.89 -20.68
CA LEU C 165 -16.70 2.45 -21.99
C LEU C 165 -15.44 2.24 -22.78
N SER C 166 -15.12 1.02 -23.18
CA SER C 166 -13.89 0.79 -23.96
C SER C 166 -14.16 0.58 -25.44
N VAL C 167 -14.01 1.67 -26.17
CA VAL C 167 -14.47 1.75 -27.55
C VAL C 167 -13.66 0.87 -28.50
N GLY C 168 -12.41 0.61 -28.14
CA GLY C 168 -11.53 -0.20 -28.96
C GLY C 168 -11.69 -1.69 -28.68
N ASP C 169 -12.57 -2.08 -27.76
CA ASP C 169 -12.70 -3.49 -27.42
C ASP C 169 -13.50 -4.24 -28.49
N VAL C 170 -12.88 -5.22 -29.16
CA VAL C 170 -13.57 -5.92 -30.26
C VAL C 170 -14.82 -6.67 -29.79
N GLY C 171 -14.75 -7.28 -28.61
CA GLY C 171 -15.93 -7.90 -28.01
C GLY C 171 -17.11 -6.95 -27.82
N LEU C 172 -16.87 -5.72 -27.36
CA LEU C 172 -17.94 -4.75 -27.19
C LEU C 172 -18.49 -4.27 -28.53
N GLN C 173 -17.61 -4.19 -29.52
CA GLN C 173 -18.02 -3.80 -30.85
C GLN C 173 -18.94 -4.85 -31.43
N ARG C 174 -18.63 -6.11 -31.21
CA ARG C 174 -19.44 -7.20 -31.72
C ARG C 174 -20.80 -7.15 -31.01
N GLY C 175 -20.79 -6.95 -29.71
CA GLY C 175 -22.03 -6.73 -28.95
C GLY C 175 -22.90 -5.61 -29.49
N ALA C 176 -22.28 -4.47 -29.79
CA ALA C 176 -22.98 -3.30 -30.29
C ALA C 176 -23.65 -3.60 -31.63
N LYS C 177 -22.94 -4.28 -32.50
CA LYS C 177 -23.54 -4.67 -33.78
C LYS C 177 -24.69 -5.63 -33.57
N TRP C 178 -24.54 -6.58 -32.66
CA TRP C 178 -25.61 -7.53 -32.37
C TRP C 178 -26.86 -6.83 -31.84
N LEU C 179 -26.68 -5.81 -31.02
CA LEU C 179 -27.75 -5.25 -30.21
C LEU C 179 -28.34 -4.00 -30.83
N TYR C 180 -27.54 -3.22 -31.55
CA TYR C 180 -27.99 -1.99 -32.16
C TYR C 180 -27.91 -1.97 -33.68
N GLY C 181 -27.17 -2.89 -34.32
CA GLY C 181 -27.03 -2.90 -35.80
C GLY C 181 -27.63 -4.08 -36.56
N ASN C 182 -28.43 -4.89 -35.88
CA ASN C 182 -29.02 -6.05 -36.48
C ASN C 182 -27.94 -7.00 -36.97
N GLY C 183 -26.92 -7.13 -36.15
CA GLY C 183 -25.80 -8.01 -36.44
C GLY C 183 -24.81 -7.45 -37.43
N GLU C 184 -25.04 -6.22 -37.88
CA GLU C 184 -24.19 -5.56 -38.86
C GLU C 184 -23.84 -4.15 -38.44
N GLY C 185 -23.09 -3.46 -39.30
CA GLY C 185 -22.77 -2.04 -39.13
C GLY C 185 -21.40 -1.84 -38.54
N ASP C 186 -21.12 -0.60 -38.09
CA ASP C 186 -19.79 -0.24 -37.58
C ASP C 186 -19.80 -0.26 -36.06
N GLY C 187 -19.12 -1.23 -35.49
CA GLY C 187 -19.22 -1.46 -34.06
C GLY C 187 -18.63 -0.34 -33.28
N LYS C 188 -17.52 0.20 -33.75
CA LYS C 188 -16.84 1.22 -33.02
C LYS C 188 -17.74 2.42 -32.92
N LYS C 189 -18.28 2.82 -34.06
CA LYS C 189 -19.23 3.93 -34.13
C LYS C 189 -20.52 3.67 -33.35
N LEU C 190 -21.05 2.45 -33.41
CA LEU C 190 -22.23 2.11 -32.61
C LEU C 190 -21.96 2.30 -31.12
N LEU C 191 -20.75 1.90 -30.66
CA LEU C 191 -20.37 2.04 -29.22
C LEU C 191 -20.32 3.48 -28.79
N ILE C 192 -19.60 4.30 -29.58
CA ILE C 192 -19.39 5.71 -29.28
C ILE C 192 -20.72 6.41 -29.11
N TYR C 193 -21.71 6.01 -29.90
CA TYR C 193 -22.96 6.72 -29.89
C TYR C 193 -23.84 6.22 -28.76
N HIS C 194 -24.10 4.91 -28.73
CA HIS C 194 -24.97 4.35 -27.73
C HIS C 194 -24.44 4.45 -26.29
N GLY C 195 -23.12 4.40 -26.12
CA GLY C 195 -22.50 4.59 -24.81
C GLY C 195 -22.82 5.91 -24.12
N LYS C 196 -23.18 6.92 -24.90
CA LYS C 196 -23.54 8.22 -24.35
C LYS C 196 -24.78 8.10 -23.45
N ALA C 197 -25.66 7.14 -23.74
CA ALA C 197 -26.91 6.93 -22.96
C ALA C 197 -26.72 6.16 -21.65
N TRP C 198 -25.51 5.73 -21.30
CA TRP C 198 -25.30 4.83 -20.15
C TRP C 198 -24.69 5.51 -18.95
N ALA C 199 -24.31 6.78 -19.12
CA ALA C 199 -23.81 7.59 -18.04
C ALA C 199 -24.67 7.45 -16.78
N PRO C 200 -24.03 7.29 -15.61
CA PRO C 200 -22.60 7.11 -15.35
C PRO C 200 -22.24 5.66 -15.04
N TYR C 201 -22.99 4.70 -15.57
CA TYR C 201 -22.76 3.27 -15.32
C TYR C 201 -22.37 2.47 -16.57
N GLU C 202 -21.54 3.09 -17.40
CA GLU C 202 -21.11 2.49 -18.65
C GLU C 202 -20.53 1.08 -18.48
N THR C 203 -19.71 0.87 -17.48
CA THR C 203 -19.14 -0.45 -17.25
C THR C 203 -20.23 -1.53 -17.19
N VAL C 204 -21.36 -1.20 -16.54
CA VAL C 204 -22.44 -2.18 -16.37
C VAL C 204 -23.06 -2.52 -17.73
N ALA C 205 -23.34 -1.49 -18.52
CA ALA C 205 -23.76 -1.66 -19.92
C ALA C 205 -22.82 -2.60 -20.67
N CYS C 206 -21.52 -2.33 -20.56
CA CYS C 206 -20.51 -3.12 -21.23
C CYS C 206 -20.59 -4.58 -20.92
N LEU C 207 -20.87 -4.92 -19.67
CA LEU C 207 -20.98 -6.32 -19.31
C LEU C 207 -22.12 -6.98 -20.09
N TYR C 208 -23.23 -6.29 -20.26
CA TYR C 208 -24.27 -6.83 -21.14
C TYR C 208 -23.80 -6.91 -22.60
N LEU C 209 -23.04 -5.92 -23.06
CA LEU C 209 -22.53 -6.02 -24.43
C LEU C 209 -21.62 -7.25 -24.60
N TRP C 210 -20.80 -7.57 -23.59
CA TRP C 210 -20.00 -8.78 -23.67
C TRP C 210 -20.82 -10.05 -23.62
N LYS C 211 -21.88 -10.06 -22.83
CA LYS C 211 -22.86 -11.15 -22.85
C LYS C 211 -23.50 -11.29 -24.26
N ALA C 212 -23.98 -10.20 -24.82
CA ALA C 212 -24.51 -10.24 -26.18
C ALA C 212 -23.49 -10.80 -27.14
N ALA C 213 -22.25 -10.35 -26.99
CA ALA C 213 -21.19 -10.69 -27.93
C ALA C 213 -20.81 -12.18 -27.86
N GLY C 214 -21.02 -12.81 -26.70
CA GLY C 214 -20.69 -14.22 -26.51
C GLY C 214 -21.78 -15.20 -26.86
N THR C 215 -22.51 -15.64 -25.84
CA THR C 215 -23.45 -16.73 -26.03
C THR C 215 -24.62 -16.33 -26.96
N PHE C 216 -25.10 -15.10 -26.85
CA PHE C 216 -26.24 -14.67 -27.69
C PHE C 216 -25.83 -14.55 -29.17
N ALA C 217 -24.66 -14.00 -29.46
CA ALA C 217 -24.24 -13.91 -30.87
C ALA C 217 -24.01 -15.29 -31.46
N GLU C 218 -23.68 -16.26 -30.62
CA GLU C 218 -23.50 -17.64 -31.10
C GLU C 218 -24.83 -18.26 -31.56
N GLU C 219 -25.96 -17.77 -31.07
CA GLU C 219 -27.27 -18.37 -31.30
C GLU C 219 -28.32 -17.56 -32.08
N TYR C 220 -28.20 -16.25 -32.09
CA TYR C 220 -29.11 -15.38 -32.82
C TYR C 220 -28.35 -14.37 -33.67
N ARG C 221 -28.89 -13.97 -34.80
CA ARG C 221 -28.26 -12.95 -35.63
C ARG C 221 -28.11 -11.64 -34.87
N SER C 222 -29.06 -11.36 -33.97
CA SER C 222 -29.20 -10.01 -33.39
C SER C 222 -30.32 -9.93 -32.36
N LEU C 223 -30.42 -8.78 -31.71
CA LEU C 223 -31.55 -8.56 -30.86
C LEU C 223 -32.88 -8.80 -31.59
N GLU C 224 -32.97 -8.44 -32.87
CA GLU C 224 -34.25 -8.62 -33.56
C GLU C 224 -34.56 -10.08 -33.72
N GLU C 225 -33.54 -10.91 -33.93
CA GLU C 225 -33.83 -12.32 -34.05
C GLU C 225 -34.25 -12.86 -32.67
N LEU C 226 -33.55 -12.45 -31.62
CA LEU C 226 -33.93 -12.86 -30.27
C LEU C 226 -35.42 -12.57 -30.06
N LEU C 227 -35.81 -11.31 -30.29
CA LEU C 227 -37.18 -10.93 -30.02
C LEU C 227 -38.24 -11.56 -30.92
N HIS C 228 -37.92 -11.99 -32.13
CA HIS C 228 -38.94 -12.62 -32.96
C HIS C 228 -39.23 -14.04 -32.49
N HIS C 229 -38.44 -14.56 -31.56
CA HIS C 229 -38.72 -15.86 -30.92
C HIS C 229 -39.51 -15.72 -29.62
N GLY C 230 -39.72 -14.48 -29.17
CA GLY C 230 -40.35 -14.19 -27.90
C GLY C 230 -41.84 -14.03 -28.02
N ASN C 231 -42.48 -13.48 -26.99
CA ASN C 231 -43.92 -13.22 -27.00
C ASN C 231 -44.33 -12.23 -28.09
N GLN C 232 -45.62 -12.15 -28.38
CA GLN C 232 -46.12 -11.50 -29.56
C GLN C 232 -47.29 -10.54 -29.25
#